data_4RS2
#
_entry.id   4RS2
#
_cell.length_a   32.863
_cell.length_b   44.658
_cell.length_c   57.023
_cell.angle_alpha   80.40
_cell.angle_beta   80.25
_cell.angle_gamma   90.17
#
_symmetry.space_group_name_H-M   'P 1'
#
loop_
_entity.id
_entity.type
_entity.pdbx_description
1 polymer 'Predicted acyltransferase with acyl-CoA N-acyltransferase domain'
2 non-polymer 'COENZYME A'
3 water water
#
_entity_poly.entity_id   1
_entity_poly.type   'polypeptide(L)'
_entity_poly.pdbx_seq_one_letter_code
;MRGSHHHHHHTDPALRALIRVEIPIDAPGIDALLRRSFESDAEAKLVHDLREDGFLTLGLVATDDEGQVIGYVAFSPVDV
QGEDLQWVGMAPLAVDEKYRGQGLARQLVYEGLDSLNEFGYAAVVTLGDPALYSRFGFELAAHHDLRCRWPGTESAFQVH
RLADDALNGVTGLVEYHEHFNRFGLCGR
;
_entity_poly.pdbx_strand_id   A,B
#
loop_
_chem_comp.id
_chem_comp.type
_chem_comp.name
_chem_comp.formula
COA non-polymer 'COENZYME A' 'C21 H36 N7 O16 P3 S'
#
# COMPACT_ATOMS: atom_id res chain seq x y z
N HIS A 9 -17.40 36.46 -24.57
CA HIS A 9 -16.97 36.63 -23.16
C HIS A 9 -16.10 35.46 -22.72
N HIS A 10 -14.91 35.80 -22.24
CA HIS A 10 -13.96 34.81 -21.77
C HIS A 10 -13.84 34.93 -20.26
N THR A 11 -13.82 33.79 -19.57
CA THR A 11 -13.63 33.80 -18.12
C THR A 11 -12.31 33.08 -17.84
N ASP A 12 -11.43 33.74 -17.09
CA ASP A 12 -10.16 33.13 -16.69
C ASP A 12 -10.45 31.94 -15.79
N PRO A 13 -9.67 30.86 -15.92
CA PRO A 13 -9.91 29.73 -15.04
C PRO A 13 -9.58 30.16 -13.61
N ALA A 14 -10.37 29.68 -12.66
CA ALA A 14 -10.13 30.03 -11.27
C ALA A 14 -8.86 29.32 -10.82
N LEU A 15 -8.05 30.00 -10.02
CA LEU A 15 -6.82 29.43 -9.48
C LEU A 15 -7.18 28.45 -8.36
N ARG A 16 -6.72 27.21 -8.49
CA ARG A 16 -7.00 26.18 -7.48
C ARG A 16 -5.80 25.27 -7.21
N ALA A 17 -5.78 24.70 -6.01
CA ALA A 17 -4.75 23.76 -5.60
C ALA A 17 -5.17 22.34 -5.97
N LEU A 18 -4.21 21.54 -6.40
CA LEU A 18 -4.44 20.16 -6.76
C LEU A 18 -4.11 19.29 -5.54
N ILE A 19 -4.83 18.18 -5.42
CA ILE A 19 -4.64 17.26 -4.34
C ILE A 19 -4.18 15.94 -4.98
N ARG A 20 -3.14 15.35 -4.43
CA ARG A 20 -2.65 14.07 -4.94
C ARG A 20 -1.93 13.37 -3.81
N VAL A 21 -1.61 12.09 -4.03
CA VAL A 21 -0.86 11.28 -3.09
C VAL A 21 0.52 11.87 -3.00
N GLU A 22 1.07 11.91 -1.80
CA GLU A 22 2.38 12.44 -1.61
C GLU A 22 3.42 11.57 -2.28
N ILE A 23 4.55 12.17 -2.63
CA ILE A 23 5.69 11.47 -3.20
C ILE A 23 6.93 11.92 -2.41
N PRO A 24 8.06 11.24 -2.61
CA PRO A 24 9.25 11.56 -1.79
C PRO A 24 9.71 13.00 -1.75
N ILE A 25 9.65 13.67 -2.89
CA ILE A 25 10.11 15.04 -2.99
C ILE A 25 9.27 15.99 -2.13
N ASP A 26 8.09 15.55 -1.73
CA ASP A 26 7.21 16.36 -0.92
C ASP A 26 7.64 16.43 0.54
N ALA A 27 8.46 15.49 1.00
CA ALA A 27 8.73 15.41 2.44
C ALA A 27 9.19 16.70 3.11
N PRO A 28 10.17 17.41 2.52
CA PRO A 28 10.62 18.63 3.18
C PRO A 28 9.51 19.69 3.24
N GLY A 29 8.71 19.77 2.19
CA GLY A 29 7.60 20.71 2.15
C GLY A 29 6.54 20.39 3.18
N ILE A 30 6.24 19.10 3.30
CA ILE A 30 5.29 18.63 4.31
C ILE A 30 5.84 18.99 5.69
N ASP A 31 7.14 18.73 5.90
CA ASP A 31 7.73 19.00 7.20
C ASP A 31 7.63 20.45 7.56
N ALA A 32 7.85 21.33 6.58
CA ALA A 32 7.85 22.76 6.84
C ALA A 32 6.43 23.20 7.13
N LEU A 33 5.47 22.69 6.38
CA LEU A 33 4.07 22.99 6.66
C LEU A 33 3.64 22.58 8.07
N LEU A 34 4.05 21.38 8.48
CA LEU A 34 3.66 20.88 9.80
C LEU A 34 4.32 21.67 10.92
N ARG A 35 5.57 22.06 10.73
CA ARG A 35 6.25 22.84 11.76
C ARG A 35 5.69 24.23 11.95
N ARG A 36 5.21 24.81 10.86
N ARG A 36 5.22 24.85 10.88
CA ARG A 36 4.68 26.16 10.91
CA ARG A 36 4.68 26.20 11.04
C ARG A 36 3.20 26.20 11.30
C ARG A 36 3.16 26.24 11.26
N SER A 37 2.49 25.09 11.13
CA SER A 37 1.04 25.02 11.35
C SER A 37 0.58 24.61 12.74
N PHE A 38 1.43 23.89 13.48
CA PHE A 38 1.11 23.44 14.79
C PHE A 38 1.88 24.20 15.83
N GLU A 39 1.42 24.09 17.07
N GLU A 39 1.45 24.11 17.07
CA GLU A 39 2.01 24.78 18.22
CA GLU A 39 2.10 24.83 18.14
C GLU A 39 3.37 24.18 18.65
C GLU A 39 3.48 24.24 18.48
N SER A 40 3.66 22.95 18.24
CA SER A 40 4.97 22.31 18.52
C SER A 40 5.34 21.53 17.27
N ASP A 41 6.57 21.02 17.24
CA ASP A 41 7.08 20.22 16.10
C ASP A 41 6.67 18.74 16.18
N ALA A 42 5.81 18.38 17.12
CA ALA A 42 5.38 16.99 17.32
C ALA A 42 4.75 16.39 16.07
N GLU A 43 3.85 17.13 15.42
CA GLU A 43 3.24 16.59 14.18
C GLU A 43 4.26 16.34 13.09
N ALA A 44 5.20 17.25 12.92
CA ALA A 44 6.24 17.07 11.88
C ALA A 44 7.09 15.83 12.22
N LYS A 45 7.46 15.71 13.50
CA LYS A 45 8.29 14.60 13.96
C LYS A 45 7.55 13.25 13.84
N LEU A 46 6.27 13.25 14.15
CA LEU A 46 5.43 12.07 14.01
C LEU A 46 5.43 11.60 12.56
N VAL A 47 5.19 12.52 11.65
CA VAL A 47 5.09 12.14 10.23
C VAL A 47 6.42 11.63 9.70
N HIS A 48 7.50 12.30 10.10
CA HIS A 48 8.82 11.83 9.74
C HIS A 48 9.04 10.38 10.20
N ASP A 49 8.71 10.12 11.47
CA ASP A 49 8.91 8.76 11.99
C ASP A 49 8.00 7.72 11.34
N LEU A 50 6.73 8.03 11.12
CA LEU A 50 5.84 7.08 10.46
C LEU A 50 6.33 6.76 9.07
N ARG A 51 6.77 7.78 8.34
CA ARG A 51 7.20 7.52 6.99
C ARG A 51 8.48 6.69 6.96
N GLU A 52 9.42 7.06 7.82
CA GLU A 52 10.70 6.38 7.84
C GLU A 52 10.54 4.91 8.18
N ASP A 53 9.61 4.59 9.06
CA ASP A 53 9.45 3.22 9.52
C ASP A 53 8.36 2.40 8.79
N GLY A 54 7.71 3.00 7.78
CA GLY A 54 6.69 2.28 6.98
C GLY A 54 5.30 2.16 7.57
N PHE A 55 4.90 3.13 8.38
CA PHE A 55 3.58 3.15 9.00
C PHE A 55 2.72 4.34 8.57
N LEU A 56 3.07 4.94 7.44
CA LEU A 56 2.26 6.00 6.85
C LEU A 56 1.48 5.31 5.74
N THR A 57 0.23 4.95 6.01
CA THR A 57 -0.62 4.22 5.06
C THR A 57 -0.91 5.01 3.81
N LEU A 58 -1.20 6.28 4.00
CA LEU A 58 -1.55 7.15 2.89
C LEU A 58 -1.36 8.58 3.35
N GLY A 59 -0.79 9.41 2.48
CA GLY A 59 -0.65 10.83 2.70
C GLY A 59 -1.09 11.53 1.43
N LEU A 60 -1.83 12.63 1.58
CA LEU A 60 -2.29 13.41 0.45
C LEU A 60 -1.82 14.81 0.68
N VAL A 61 -1.29 15.40 -0.40
CA VAL A 61 -0.86 16.79 -0.35
C VAL A 61 -1.75 17.64 -1.20
N ALA A 62 -1.91 18.88 -0.78
CA ALA A 62 -2.53 19.92 -1.62
C ALA A 62 -1.34 20.80 -1.99
N THR A 63 -1.24 21.17 -3.25
CA THR A 63 -0.13 22.00 -3.70
C THR A 63 -0.61 23.22 -4.47
N ASP A 64 0.17 24.28 -4.43
CA ASP A 64 -0.20 25.50 -5.14
C ASP A 64 0.31 25.39 -6.55
N ASP A 65 0.06 26.42 -7.36
CA ASP A 65 0.47 26.41 -8.77
C ASP A 65 1.96 26.11 -9.00
N GLU A 66 2.82 26.47 -8.04
CA GLU A 66 4.27 26.18 -8.16
C GLU A 66 4.69 24.81 -7.60
N GLY A 67 3.74 24.01 -7.10
CA GLY A 67 4.06 22.69 -6.54
C GLY A 67 4.43 22.70 -5.07
N GLN A 68 4.31 23.86 -4.42
CA GLN A 68 4.59 23.99 -3.00
C GLN A 68 3.47 23.34 -2.22
N VAL A 69 3.84 22.58 -1.18
CA VAL A 69 2.85 21.94 -0.31
C VAL A 69 2.18 22.96 0.58
N ILE A 70 0.85 23.08 0.45
CA ILE A 70 0.05 24.04 1.19
C ILE A 70 -1.03 23.34 2.02
N GLY A 71 -1.08 22.01 1.93
CA GLY A 71 -2.00 21.25 2.76
C GLY A 71 -1.60 19.80 2.83
N TYR A 72 -2.04 19.13 3.88
CA TYR A 72 -1.65 17.77 4.09
C TYR A 72 -2.58 17.01 4.96
N VAL A 73 -2.78 15.74 4.65
CA VAL A 73 -3.49 14.81 5.56
C VAL A 73 -2.83 13.46 5.45
N ALA A 74 -2.70 12.79 6.60
CA ALA A 74 -2.09 11.47 6.65
C ALA A 74 -2.93 10.48 7.43
N PHE A 75 -2.66 9.21 7.13
CA PHE A 75 -3.36 8.09 7.72
C PHE A 75 -2.33 7.03 8.07
N SER A 76 -2.57 6.33 9.17
CA SER A 76 -1.66 5.27 9.62
C SER A 76 -2.51 4.13 10.16
N PRO A 77 -1.96 2.91 10.23
CA PRO A 77 -2.80 1.78 10.62
C PRO A 77 -3.17 1.80 12.08
N VAL A 78 -4.39 1.35 12.39
CA VAL A 78 -4.81 1.19 13.79
C VAL A 78 -5.37 -0.23 13.90
N ASP A 79 -5.24 -0.87 15.07
CA ASP A 79 -5.82 -2.19 15.27
C ASP A 79 -6.92 -2.05 16.29
N VAL A 80 -7.87 -2.98 16.26
CA VAL A 80 -8.96 -2.91 17.22
C VAL A 80 -8.97 -4.15 18.04
N GLN A 81 -8.74 -3.99 19.34
CA GLN A 81 -8.67 -5.13 20.25
C GLN A 81 -7.54 -6.05 19.72
N GLY A 82 -6.51 -5.41 19.20
CA GLY A 82 -5.33 -6.12 18.71
C GLY A 82 -5.41 -6.79 17.37
N GLU A 83 -6.48 -6.57 16.62
N GLU A 83 -6.50 -6.61 16.62
CA GLU A 83 -6.63 -7.20 15.31
CA GLU A 83 -6.58 -7.23 15.31
C GLU A 83 -6.73 -6.18 14.18
C GLU A 83 -6.72 -6.21 14.19
N ASP A 84 -6.26 -6.61 13.01
CA ASP A 84 -6.25 -5.77 11.82
C ASP A 84 -7.55 -5.98 11.05
N LEU A 85 -8.38 -4.95 11.07
CA LEU A 85 -9.67 -4.91 10.37
C LEU A 85 -9.66 -3.92 9.20
N GLN A 86 -8.47 -3.53 8.78
CA GLN A 86 -8.31 -2.58 7.68
C GLN A 86 -8.89 -1.22 8.07
N TRP A 87 -8.55 -0.80 9.29
CA TRP A 87 -8.87 0.53 9.80
C TRP A 87 -7.60 1.39 9.83
N VAL A 88 -7.81 2.70 9.75
CA VAL A 88 -6.70 3.66 9.84
C VAL A 88 -7.10 4.82 10.74
N GLY A 89 -6.08 5.50 11.28
CA GLY A 89 -6.25 6.71 12.06
C GLY A 89 -5.78 7.91 11.21
N MET A 90 -6.58 8.96 11.16
CA MET A 90 -6.24 10.16 10.41
C MET A 90 -5.55 11.18 11.29
N ALA A 91 -4.35 11.62 10.90
CA ALA A 91 -3.56 12.60 11.62
C ALA A 91 -2.21 12.68 10.97
N PRO A 92 -1.66 13.88 10.81
CA PRO A 92 -2.28 15.17 11.08
C PRO A 92 -3.06 15.67 9.89
N LEU A 93 -3.70 16.83 10.08
CA LEU A 93 -4.45 17.52 9.06
C LEU A 93 -4.07 18.97 9.17
N ALA A 94 -3.57 19.53 8.08
CA ALA A 94 -3.10 20.91 8.10
C ALA A 94 -3.28 21.62 6.79
N VAL A 95 -3.68 22.88 6.90
CA VAL A 95 -3.72 23.76 5.74
C VAL A 95 -2.94 25.02 6.08
N ASP A 96 -2.06 25.43 5.14
CA ASP A 96 -1.24 26.64 5.33
C ASP A 96 -2.15 27.83 5.62
N GLU A 97 -1.76 28.64 6.59
CA GLU A 97 -2.56 29.78 7.01
C GLU A 97 -2.96 30.66 5.80
N LYS A 98 -2.12 30.76 4.77
CA LYS A 98 -2.45 31.54 3.54
C LYS A 98 -3.63 31.02 2.72
N TYR A 99 -4.00 29.77 2.96
CA TYR A 99 -5.05 29.13 2.21
C TYR A 99 -6.22 28.67 3.07
N ARG A 100 -6.30 29.13 4.30
CA ARG A 100 -7.41 28.70 5.14
C ARG A 100 -8.73 29.31 4.74
N GLY A 101 -9.78 28.53 5.04
CA GLY A 101 -11.17 28.89 4.75
C GLY A 101 -11.56 28.73 3.29
N GLN A 102 -10.76 28.01 2.51
CA GLN A 102 -11.03 27.80 1.08
C GLN A 102 -11.63 26.42 0.79
N GLY A 103 -11.85 25.63 1.85
CA GLY A 103 -12.41 24.30 1.70
C GLY A 103 -11.38 23.19 1.45
N LEU A 104 -10.09 23.49 1.57
CA LEU A 104 -9.04 22.52 1.31
C LEU A 104 -8.98 21.38 2.34
N ALA A 105 -9.25 21.66 3.61
CA ALA A 105 -9.27 20.56 4.60
C ALA A 105 -10.43 19.62 4.30
N ARG A 106 -11.61 20.19 4.05
CA ARG A 106 -12.73 19.39 3.65
C ARG A 106 -12.41 18.48 2.48
N GLN A 107 -11.79 19.05 1.45
CA GLN A 107 -11.40 18.27 0.27
C GLN A 107 -10.37 17.20 0.57
N LEU A 108 -9.35 17.52 1.37
CA LEU A 108 -8.34 16.53 1.70
C LEU A 108 -8.94 15.35 2.47
N VAL A 109 -9.80 15.64 3.41
CA VAL A 109 -10.41 14.56 4.16
C VAL A 109 -11.33 13.74 3.25
N TYR A 110 -12.13 14.41 2.43
CA TYR A 110 -13.05 13.68 1.55
C TYR A 110 -12.28 12.75 0.61
N GLU A 111 -11.26 13.30 -0.05
N GLU A 111 -11.25 13.30 -0.03
CA GLU A 111 -10.47 12.52 -1.00
CA GLU A 111 -10.50 12.52 -1.00
C GLU A 111 -9.73 11.41 -0.29
C GLU A 111 -9.70 11.43 -0.30
N GLY A 112 -9.23 11.69 0.91
CA GLY A 112 -8.53 10.65 1.69
C GLY A 112 -9.45 9.47 1.94
N LEU A 113 -10.61 9.76 2.48
CA LEU A 113 -11.60 8.75 2.78
C LEU A 113 -12.05 8.02 1.52
N ASP A 114 -12.23 8.75 0.42
CA ASP A 114 -12.66 8.13 -0.84
C ASP A 114 -11.59 7.15 -1.36
N SER A 115 -10.33 7.57 -1.28
CA SER A 115 -9.21 6.73 -1.70
C SER A 115 -9.13 5.47 -0.83
N LEU A 116 -9.27 5.67 0.47
CA LEU A 116 -9.19 4.53 1.39
C LEU A 116 -10.30 3.51 1.10
N ASN A 117 -11.51 4.01 0.82
CA ASN A 117 -12.60 3.11 0.49
C ASN A 117 -12.29 2.35 -0.77
N GLU A 118 -11.80 3.07 -1.78
N GLU A 118 -11.78 3.06 -1.79
CA GLU A 118 -11.40 2.50 -3.08
CA GLU A 118 -11.46 2.43 -3.08
C GLU A 118 -10.41 1.37 -2.91
C GLU A 118 -10.38 1.37 -2.93
N PHE A 119 -9.49 1.53 -1.96
CA PHE A 119 -8.46 0.53 -1.71
C PHE A 119 -8.79 -0.49 -0.63
N GLY A 120 -10.06 -0.58 -0.21
CA GLY A 120 -10.49 -1.68 0.65
C GLY A 120 -10.50 -1.48 2.16
N TYR A 121 -10.25 -0.25 2.63
CA TYR A 121 -10.28 0.04 4.06
C TYR A 121 -11.73 0.19 4.50
N ALA A 122 -11.98 -0.08 5.78
CA ALA A 122 -13.32 -0.12 6.32
C ALA A 122 -13.75 1.03 7.22
N ALA A 123 -12.79 1.68 7.87
CA ALA A 123 -13.10 2.75 8.79
C ALA A 123 -11.89 3.62 9.07
N VAL A 124 -12.18 4.84 9.50
CA VAL A 124 -11.18 5.84 9.81
C VAL A 124 -11.49 6.42 11.17
N VAL A 125 -10.51 6.43 12.06
CA VAL A 125 -10.69 7.13 13.35
C VAL A 125 -9.84 8.39 13.34
N THR A 126 -10.18 9.30 14.23
CA THR A 126 -9.37 10.50 14.39
C THR A 126 -9.62 11.07 15.79
N LEU A 127 -8.69 11.91 16.22
CA LEU A 127 -8.76 12.55 17.52
C LEU A 127 -8.67 14.05 17.33
N GLY A 128 -9.71 14.77 17.75
CA GLY A 128 -9.76 16.18 17.53
C GLY A 128 -11.10 16.76 17.91
N ASP A 129 -11.24 18.05 17.68
CA ASP A 129 -12.43 18.76 18.04
C ASP A 129 -13.62 18.25 17.23
N PRO A 130 -14.67 17.77 17.90
CA PRO A 130 -15.81 17.29 17.11
C PRO A 130 -16.50 18.41 16.31
N ALA A 131 -16.34 19.65 16.75
CA ALA A 131 -16.92 20.77 16.01
C ALA A 131 -16.26 20.88 14.63
N LEU A 132 -15.06 20.35 14.48
CA LEU A 132 -14.43 20.30 13.19
C LEU A 132 -14.82 18.99 12.49
N TYR A 133 -14.47 17.86 13.08
CA TYR A 133 -14.63 16.57 12.38
C TYR A 133 -16.04 16.10 12.12
N SER A 134 -16.99 16.53 12.94
CA SER A 134 -18.37 16.15 12.66
C SER A 134 -18.83 16.67 11.28
N ARG A 135 -18.20 17.75 10.83
CA ARG A 135 -18.55 18.37 9.54
C ARG A 135 -18.26 17.47 8.39
N PHE A 136 -17.35 16.52 8.62
CA PHE A 136 -16.90 15.62 7.57
C PHE A 136 -17.51 14.22 7.75
N GLY A 137 -18.47 14.10 8.65
CA GLY A 137 -19.14 12.83 8.83
C GLY A 137 -18.66 11.96 9.96
N PHE A 138 -17.70 12.43 10.73
CA PHE A 138 -17.22 11.66 11.85
C PHE A 138 -18.22 11.65 12.99
N GLU A 139 -18.32 10.51 13.67
N GLU A 139 -18.35 10.50 13.65
CA GLU A 139 -19.21 10.37 14.81
CA GLU A 139 -19.23 10.33 14.79
C GLU A 139 -18.38 10.10 16.06
C GLU A 139 -18.38 10.12 16.05
N LEU A 140 -18.96 10.35 17.24
CA LEU A 140 -18.24 10.09 18.49
C LEU A 140 -18.00 8.60 18.65
N ALA A 141 -16.74 8.20 18.82
CA ALA A 141 -16.40 6.81 18.92
C ALA A 141 -17.04 6.14 20.15
N ALA A 142 -17.22 6.89 21.23
CA ALA A 142 -17.82 6.36 22.44
C ALA A 142 -19.22 5.84 22.19
N HIS A 143 -19.94 6.43 21.26
CA HIS A 143 -21.29 5.97 20.93
C HIS A 143 -21.33 4.63 20.25
N HIS A 144 -20.17 4.18 19.79
CA HIS A 144 -20.01 2.88 19.16
C HIS A 144 -19.13 1.99 20.01
N ASP A 145 -18.92 2.36 21.29
CA ASP A 145 -18.07 1.57 22.19
C ASP A 145 -16.65 1.35 21.67
N LEU A 146 -16.08 2.42 21.13
CA LEU A 146 -14.70 2.47 20.67
C LEU A 146 -13.95 3.55 21.45
N ARG A 147 -12.73 3.25 21.87
CA ARG A 147 -11.93 4.19 22.61
C ARG A 147 -10.49 4.07 22.16
N CYS A 148 -9.71 5.13 22.42
CA CYS A 148 -8.26 5.12 22.18
C CYS A 148 -7.60 4.98 23.56
N ARG A 149 -6.29 4.93 23.60
CA ARG A 149 -5.58 4.63 24.87
C ARG A 149 -5.31 5.80 25.78
N TRP A 150 -5.59 7.01 25.32
CA TRP A 150 -5.17 8.22 26.04
C TRP A 150 -6.26 8.79 26.88
N PRO A 151 -5.87 9.41 28.01
CA PRO A 151 -6.90 9.95 28.86
C PRO A 151 -7.53 11.20 28.31
N GLY A 152 -8.76 11.47 28.74
CA GLY A 152 -9.47 12.68 28.38
C GLY A 152 -9.79 12.80 26.91
N THR A 153 -10.05 11.66 26.26
CA THR A 153 -10.36 11.65 24.85
C THR A 153 -11.79 11.20 24.55
N GLU A 154 -12.62 10.96 25.54
CA GLU A 154 -13.96 10.47 25.21
C GLU A 154 -14.78 11.47 24.40
N SER A 155 -14.46 12.76 24.51
CA SER A 155 -15.20 13.77 23.78
C SER A 155 -14.59 14.11 22.42
N ALA A 156 -13.37 13.64 22.15
CA ALA A 156 -12.61 13.99 20.94
C ALA A 156 -12.33 12.80 20.03
N PHE A 157 -12.41 11.58 20.56
CA PHE A 157 -12.13 10.40 19.73
C PHE A 157 -13.32 10.08 18.87
N GLN A 158 -13.09 10.03 17.56
CA GLN A 158 -14.19 9.90 16.59
C GLN A 158 -13.92 8.88 15.50
N VAL A 159 -14.99 8.48 14.82
CA VAL A 159 -14.90 7.45 13.80
C VAL A 159 -15.81 7.76 12.62
N HIS A 160 -15.33 7.38 11.44
CA HIS A 160 -16.06 7.51 10.19
C HIS A 160 -16.00 6.16 9.49
N ARG A 161 -17.14 5.49 9.35
CA ARG A 161 -17.18 4.22 8.66
C ARG A 161 -16.99 4.47 7.18
N LEU A 162 -16.42 3.49 6.48
CA LEU A 162 -16.31 3.56 5.03
C LEU A 162 -17.30 2.61 4.34
N ALA A 163 -17.98 1.77 5.10
CA ALA A 163 -19.01 0.86 4.61
C ALA A 163 -20.09 0.97 5.67
N ASP A 164 -21.35 0.75 5.31
CA ASP A 164 -22.39 1.05 6.25
C ASP A 164 -22.39 0.19 7.51
N ASP A 165 -21.93 -1.04 7.37
CA ASP A 165 -21.92 -1.97 8.48
C ASP A 165 -20.55 -2.14 9.09
N ALA A 166 -19.60 -1.28 8.76
CA ALA A 166 -18.22 -1.47 9.21
C ALA A 166 -17.99 -1.46 10.71
N LEU A 167 -18.81 -0.72 11.44
CA LEU A 167 -18.66 -0.60 12.87
C LEU A 167 -19.45 -1.65 13.66
N ASN A 168 -20.40 -2.33 13.02
CA ASN A 168 -21.27 -3.28 13.74
C ASN A 168 -20.50 -4.47 14.27
N GLY A 169 -20.56 -4.63 15.58
CA GLY A 169 -19.86 -5.71 16.26
C GLY A 169 -18.39 -5.46 16.51
N VAL A 170 -17.91 -4.24 16.24
CA VAL A 170 -16.51 -3.92 16.42
C VAL A 170 -16.45 -2.91 17.55
N THR A 171 -15.85 -3.33 18.67
CA THR A 171 -15.79 -2.50 19.88
C THR A 171 -14.45 -2.64 20.56
N GLY A 172 -14.16 -1.73 21.47
CA GLY A 172 -12.98 -1.81 22.31
C GLY A 172 -11.89 -0.81 22.03
N LEU A 173 -10.67 -1.20 22.37
CA LEU A 173 -9.52 -0.33 22.25
C LEU A 173 -8.94 -0.31 20.85
N VAL A 174 -8.90 0.91 20.29
CA VAL A 174 -8.33 1.15 18.99
C VAL A 174 -6.91 1.62 19.28
N GLU A 175 -5.92 0.87 18.80
N GLU A 175 -5.93 0.87 18.78
CA GLU A 175 -4.53 1.19 19.05
CA GLU A 175 -4.52 1.13 19.01
C GLU A 175 -3.83 1.77 17.83
C GLU A 175 -3.82 1.77 17.82
N TYR A 176 -3.20 2.93 18.04
CA TYR A 176 -2.41 3.59 17.01
C TYR A 176 -0.98 3.02 17.14
N HIS A 177 -0.15 3.29 16.14
CA HIS A 177 1.23 2.90 16.21
C HIS A 177 1.91 3.62 17.37
N GLU A 178 2.93 3.03 17.94
CA GLU A 178 3.60 3.62 19.10
C GLU A 178 4.21 5.00 18.83
N HIS A 179 4.44 5.36 17.57
CA HIS A 179 4.97 6.69 17.27
C HIS A 179 4.02 7.79 17.72
N PHE A 180 2.78 7.43 17.98
CA PHE A 180 1.79 8.42 18.49
C PHE A 180 1.91 8.72 19.98
N ASN A 181 2.74 7.96 20.69
CA ASN A 181 2.88 8.13 22.14
C ASN A 181 3.91 9.18 22.47
N ARG A 182 3.82 10.30 21.80
CA ARG A 182 4.69 11.44 22.02
C ARG A 182 3.77 12.54 22.53
N PHE A 183 4.33 13.52 23.22
CA PHE A 183 3.56 14.63 23.79
C PHE A 183 3.27 15.76 22.80
N GLY A 184 2.15 16.42 23.00
CA GLY A 184 1.82 17.62 22.28
C GLY A 184 1.04 17.51 21.00
N LEU A 185 0.59 16.32 20.61
CA LEU A 185 -0.19 16.21 19.39
C LEU A 185 -1.56 16.84 19.57
N CYS A 186 -2.06 17.46 18.51
N CYS A 186 -2.08 17.46 18.52
CA CYS A 186 -3.39 18.07 18.54
CA CYS A 186 -3.41 18.09 18.59
C CYS A 186 -4.44 17.02 18.93
C CYS A 186 -4.49 17.05 18.87
N GLY A 187 -5.41 17.41 19.76
CA GLY A 187 -6.48 16.51 20.19
C GLY A 187 -6.21 15.79 21.49
N ARG A 188 -4.95 15.78 21.95
CA ARG A 188 -4.55 15.09 23.17
C ARG A 188 -4.49 16.02 24.37
N HIS B 6 5.84 -8.09 9.56
CA HIS B 6 6.27 -8.48 8.18
C HIS B 6 7.24 -7.49 7.56
N HIS B 7 8.14 -6.96 8.39
CA HIS B 7 9.19 -6.06 7.96
C HIS B 7 10.50 -6.79 7.90
N HIS B 8 11.29 -6.48 6.89
CA HIS B 8 12.63 -7.02 6.77
C HIS B 8 13.53 -5.90 6.29
N HIS B 9 14.82 -6.03 6.53
CA HIS B 9 15.75 -5.05 6.06
C HIS B 9 16.74 -5.67 5.12
N HIS B 10 17.14 -4.86 4.16
CA HIS B 10 18.22 -5.20 3.27
C HIS B 10 19.31 -4.21 3.56
N THR B 11 20.47 -4.72 3.96
CA THR B 11 21.59 -3.85 4.28
C THR B 11 22.80 -4.23 3.43
N ASP B 12 23.34 -3.24 2.74
CA ASP B 12 24.61 -3.42 2.05
C ASP B 12 25.26 -2.05 2.07
N PRO B 13 26.54 -1.98 1.74
CA PRO B 13 27.25 -0.69 1.88
C PRO B 13 26.63 0.44 1.06
N ALA B 14 26.00 0.10 -0.05
CA ALA B 14 25.41 1.08 -0.94
C ALA B 14 23.91 1.32 -0.71
N LEU B 15 23.32 0.64 0.26
CA LEU B 15 21.88 0.72 0.44
C LEU B 15 21.32 0.07 1.69
N ARG B 16 20.55 0.83 2.48
CA ARG B 16 19.78 0.23 3.55
C ARG B 16 18.35 0.41 3.07
N ALA B 17 17.65 -0.71 2.91
CA ALA B 17 16.28 -0.67 2.44
C ALA B 17 15.37 -1.39 3.40
N LEU B 18 14.14 -0.93 3.45
CA LEU B 18 13.10 -1.59 4.19
C LEU B 18 12.25 -2.37 3.20
N ILE B 19 11.99 -3.66 3.52
CA ILE B 19 11.10 -4.53 2.74
C ILE B 19 9.86 -4.74 3.58
N ARG B 20 8.71 -4.38 3.01
CA ARG B 20 7.45 -4.46 3.76
C ARG B 20 6.28 -4.61 2.80
N VAL B 21 5.11 -4.90 3.36
CA VAL B 21 3.93 -5.03 2.57
C VAL B 21 3.54 -3.67 2.01
N GLU B 22 3.10 -3.69 0.76
CA GLU B 22 2.67 -2.52 0.06
C GLU B 22 1.45 -1.91 0.70
N ILE B 23 1.42 -0.58 0.76
N ILE B 23 1.42 -0.59 0.79
CA ILE B 23 0.31 0.18 1.31
CA ILE B 23 0.24 0.14 1.25
C ILE B 23 -0.02 1.31 0.31
C ILE B 23 -0.07 1.26 0.25
N PRO B 24 -1.20 1.95 0.43
CA PRO B 24 -1.62 2.97 -0.58
C PRO B 24 -0.60 4.04 -0.97
N ILE B 25 0.18 4.50 -0.01
CA ILE B 25 1.10 5.57 -0.30
C ILE B 25 2.13 5.14 -1.33
N ASP B 26 2.34 3.83 -1.45
CA ASP B 26 3.35 3.32 -2.37
C ASP B 26 2.90 3.35 -3.83
N ALA B 27 1.62 3.52 -4.08
CA ALA B 27 1.14 3.41 -5.48
C ALA B 27 1.90 4.27 -6.54
N PRO B 28 2.11 5.56 -6.27
CA PRO B 28 2.84 6.36 -7.27
C PRO B 28 4.26 5.90 -7.45
N GLY B 29 4.92 5.52 -6.35
CA GLY B 29 6.29 5.04 -6.43
C GLY B 29 6.41 3.73 -7.21
N ILE B 30 5.47 2.84 -6.99
CA ILE B 30 5.44 1.58 -7.69
C ILE B 30 5.22 1.84 -9.17
N ASP B 31 4.28 2.74 -9.49
CA ASP B 31 3.99 3.03 -10.89
C ASP B 31 5.21 3.55 -11.60
N ALA B 32 5.93 4.46 -10.96
CA ALA B 32 7.08 5.08 -11.55
C ALA B 32 8.15 4.03 -11.72
N LEU B 33 8.36 3.19 -10.71
CA LEU B 33 9.34 2.13 -10.84
C LEU B 33 9.03 1.19 -12.00
N LEU B 34 7.78 0.75 -12.10
CA LEU B 34 7.41 -0.17 -13.17
C LEU B 34 7.54 0.45 -14.55
N ARG B 35 7.18 1.71 -14.69
CA ARG B 35 7.27 2.37 -16.01
C ARG B 35 8.71 2.55 -16.43
N ARG B 36 9.62 2.82 -15.48
N ARG B 36 9.59 2.80 -15.47
CA ARG B 36 11.01 3.02 -15.87
CA ARG B 36 10.99 2.99 -15.78
C ARG B 36 11.82 1.71 -15.97
C ARG B 36 11.72 1.68 -16.07
N SER B 37 11.32 0.62 -15.39
CA SER B 37 12.02 -0.66 -15.39
C SER B 37 11.73 -1.66 -16.50
N PHE B 38 10.56 -1.53 -17.13
CA PHE B 38 10.16 -2.42 -18.19
C PHE B 38 10.19 -1.72 -19.53
N GLU B 39 10.16 -2.52 -20.58
CA GLU B 39 10.22 -1.99 -21.95
C GLU B 39 8.92 -1.29 -22.35
N SER B 40 7.81 -1.64 -21.69
CA SER B 40 6.54 -0.98 -21.94
C SER B 40 5.83 -0.70 -20.63
N ASP B 41 4.74 0.05 -20.71
CA ASP B 41 3.97 0.39 -19.53
C ASP B 41 3.01 -0.72 -19.11
N ALA B 42 3.09 -1.88 -19.77
CA ALA B 42 2.13 -2.96 -19.47
C ALA B 42 2.16 -3.41 -18.01
N GLU B 43 3.35 -3.56 -17.43
CA GLU B 43 3.42 -3.95 -16.01
C GLU B 43 2.80 -2.92 -15.08
N ALA B 44 3.09 -1.65 -15.35
CA ALA B 44 2.50 -0.58 -14.53
C ALA B 44 0.94 -0.61 -14.63
N LYS B 45 0.43 -0.76 -15.83
CA LYS B 45 -1.01 -0.80 -16.08
C LYS B 45 -1.66 -2.04 -15.46
N LEU B 46 -0.99 -3.17 -15.56
CA LEU B 46 -1.46 -4.41 -14.97
C LEU B 46 -1.68 -4.24 -13.47
N VAL B 47 -0.67 -3.66 -12.81
CA VAL B 47 -0.70 -3.52 -11.36
C VAL B 47 -1.77 -2.53 -10.96
N HIS B 48 -1.86 -1.43 -11.68
CA HIS B 48 -2.93 -0.48 -11.46
C HIS B 48 -4.31 -1.14 -11.54
N ASP B 49 -4.52 -1.95 -12.57
CA ASP B 49 -5.81 -2.57 -12.78
C ASP B 49 -6.11 -3.64 -11.73
N LEU B 50 -5.13 -4.47 -11.41
CA LEU B 50 -5.32 -5.47 -10.35
C LEU B 50 -5.66 -4.81 -9.04
N ARG B 51 -4.93 -3.77 -8.69
CA ARG B 51 -5.18 -3.08 -7.44
C ARG B 51 -6.56 -2.45 -7.39
N GLU B 52 -6.90 -1.75 -8.47
CA GLU B 52 -8.15 -1.02 -8.55
C GLU B 52 -9.35 -1.94 -8.42
N ASP B 53 -9.23 -3.13 -8.99
CA ASP B 53 -10.33 -4.07 -9.01
C ASP B 53 -10.31 -5.12 -7.89
N GLY B 54 -9.31 -5.04 -7.00
CA GLY B 54 -9.28 -5.90 -5.80
C GLY B 54 -8.71 -7.29 -6.00
N PHE B 55 -7.79 -7.43 -6.96
CA PHE B 55 -7.13 -8.72 -7.28
C PHE B 55 -5.61 -8.70 -7.03
N LEU B 56 -5.17 -7.68 -6.30
N LEU B 56 -5.12 -7.68 -6.33
CA LEU B 56 -3.80 -7.59 -5.88
CA LEU B 56 -3.70 -7.62 -5.97
C LEU B 56 -3.84 -8.27 -4.53
C LEU B 56 -3.59 -8.18 -4.57
N THR B 57 -3.40 -9.51 -4.50
CA THR B 57 -3.41 -10.27 -3.26
C THR B 57 -2.39 -9.79 -2.27
N LEU B 58 -1.18 -9.62 -2.72
CA LEU B 58 -0.08 -9.16 -1.89
C LEU B 58 0.97 -8.48 -2.73
N GLY B 59 1.46 -7.32 -2.28
CA GLY B 59 2.57 -6.63 -2.88
C GLY B 59 3.60 -6.38 -1.80
N LEU B 60 4.87 -6.55 -2.13
CA LEU B 60 5.98 -6.17 -1.25
C LEU B 60 6.77 -5.10 -1.92
N VAL B 61 7.11 -4.08 -1.13
CA VAL B 61 7.95 -3.04 -1.63
C VAL B 61 9.25 -3.00 -0.89
N ALA B 62 10.28 -2.55 -1.58
CA ALA B 62 11.58 -2.22 -0.96
C ALA B 62 11.68 -0.71 -1.10
N THR B 63 12.01 -0.02 -0.01
CA THR B 63 12.14 1.42 -0.03
C THR B 63 13.42 1.84 0.62
N ASP B 64 13.97 2.96 0.18
CA ASP B 64 15.12 3.56 0.86
C ASP B 64 14.62 4.29 2.13
N ASP B 65 15.52 4.97 2.84
CA ASP B 65 15.15 5.65 4.10
C ASP B 65 14.09 6.75 3.95
N GLU B 66 14.06 7.41 2.80
CA GLU B 66 13.10 8.49 2.52
C GLU B 66 11.72 7.94 2.08
N GLY B 67 11.63 6.61 1.94
CA GLY B 67 10.39 5.98 1.55
C GLY B 67 10.21 5.78 0.07
N GLN B 68 11.25 6.11 -0.71
CA GLN B 68 11.24 5.91 -2.17
C GLN B 68 11.24 4.43 -2.55
N VAL B 69 10.31 4.06 -3.42
CA VAL B 69 10.15 2.67 -3.87
C VAL B 69 11.20 2.33 -4.89
N ILE B 70 12.06 1.35 -4.53
CA ILE B 70 13.15 0.91 -5.38
C ILE B 70 13.09 -0.58 -5.75
N GLY B 71 12.07 -1.28 -5.25
CA GLY B 71 11.87 -2.68 -5.60
C GLY B 71 10.42 -3.01 -5.36
N TYR B 72 9.90 -3.97 -6.11
CA TYR B 72 8.50 -4.40 -6.01
C TYR B 72 8.26 -5.79 -6.51
N VAL B 73 7.42 -6.53 -5.81
CA VAL B 73 6.92 -7.81 -6.30
C VAL B 73 5.46 -7.89 -5.94
N ALA B 74 4.66 -8.44 -6.86
CA ALA B 74 3.22 -8.58 -6.60
C ALA B 74 2.74 -10.00 -6.88
N PHE B 75 1.64 -10.34 -6.21
CA PHE B 75 1.01 -11.63 -6.33
C PHE B 75 -0.49 -11.44 -6.52
N SER B 76 -1.10 -12.28 -7.36
CA SER B 76 -2.57 -12.20 -7.63
C SER B 76 -3.14 -13.61 -7.70
N PRO B 77 -4.46 -13.77 -7.56
CA PRO B 77 -5.01 -15.14 -7.56
C PRO B 77 -4.96 -15.89 -8.87
N VAL B 78 -4.70 -17.20 -8.82
CA VAL B 78 -4.82 -18.02 -10.02
C VAL B 78 -5.70 -19.18 -9.66
N ASP B 79 -6.40 -19.75 -10.64
CA ASP B 79 -7.18 -20.96 -10.45
C ASP B 79 -6.52 -22.11 -11.20
N VAL B 80 -6.77 -23.35 -10.80
CA VAL B 80 -6.23 -24.52 -11.53
C VAL B 80 -7.42 -25.37 -11.94
N GLN B 81 -7.61 -25.56 -13.24
CA GLN B 81 -8.77 -26.26 -13.78
C GLN B 81 -10.08 -25.66 -13.23
N GLY B 82 -10.09 -24.34 -13.10
CA GLY B 82 -11.26 -23.62 -12.62
C GLY B 82 -11.48 -23.66 -11.12
N GLU B 83 -10.55 -24.29 -10.40
CA GLU B 83 -10.70 -24.43 -8.94
C GLU B 83 -9.75 -23.50 -8.20
N ASP B 84 -10.21 -23.02 -7.05
CA ASP B 84 -9.39 -22.21 -6.17
C ASP B 84 -8.70 -23.17 -5.20
N LEU B 85 -7.38 -23.28 -5.34
CA LEU B 85 -6.54 -24.12 -4.46
C LEU B 85 -5.58 -23.28 -3.58
N GLN B 86 -5.89 -22.01 -3.42
CA GLN B 86 -5.03 -21.08 -2.67
C GLN B 86 -3.66 -20.91 -3.34
N TRP B 87 -3.67 -20.82 -4.65
CA TRP B 87 -2.47 -20.54 -5.43
C TRP B 87 -2.51 -19.07 -5.88
N VAL B 88 -1.32 -18.51 -6.07
CA VAL B 88 -1.18 -17.16 -6.61
C VAL B 88 -0.14 -17.17 -7.72
N GLY B 89 -0.19 -16.12 -8.54
CA GLY B 89 0.77 -15.92 -9.61
C GLY B 89 1.62 -14.70 -9.26
N MET B 90 2.93 -14.81 -9.43
CA MET B 90 3.86 -13.75 -9.10
C MET B 90 4.20 -12.94 -10.33
N ALA B 91 3.91 -11.65 -10.26
CA ALA B 91 4.18 -10.71 -11.34
C ALA B 91 3.63 -9.35 -10.96
N PRO B 92 4.37 -8.27 -11.26
CA PRO B 92 5.72 -8.25 -11.80
C PRO B 92 6.75 -8.35 -10.70
N LEU B 93 8.02 -8.35 -11.09
CA LEU B 93 9.15 -8.30 -10.18
C LEU B 93 10.13 -7.28 -10.76
N ALA B 94 10.50 -6.28 -9.96
CA ALA B 94 11.36 -5.21 -10.42
C ALA B 94 12.24 -4.61 -9.36
N VAL B 95 13.47 -4.31 -9.74
CA VAL B 95 14.40 -3.58 -8.88
C VAL B 95 14.94 -2.39 -9.72
N ASP B 96 14.99 -1.22 -9.09
CA ASP B 96 15.48 -0.01 -9.76
C ASP B 96 16.88 -0.27 -10.27
N GLU B 97 17.15 0.14 -11.50
CA GLU B 97 18.44 -0.12 -12.14
C GLU B 97 19.63 0.26 -11.26
N LYS B 98 19.52 1.34 -10.51
N LYS B 98 19.45 1.33 -10.50
CA LYS B 98 20.62 1.79 -9.66
CA LYS B 98 20.41 1.91 -9.55
C LYS B 98 21.06 0.72 -8.68
C LYS B 98 20.89 0.97 -8.45
N TYR B 99 20.09 -0.06 -8.20
CA TYR B 99 20.36 -1.01 -7.16
C TYR B 99 20.39 -2.45 -7.59
N ARG B 100 20.56 -2.72 -8.87
CA ARG B 100 20.62 -4.09 -9.31
C ARG B 100 21.92 -4.74 -8.95
N GLY B 101 21.81 -6.05 -8.75
CA GLY B 101 22.96 -6.86 -8.41
C GLY B 101 23.30 -6.84 -6.93
N GLN B 102 22.41 -6.34 -6.09
CA GLN B 102 22.64 -6.25 -4.66
C GLN B 102 21.87 -7.31 -3.86
N GLY B 103 21.15 -8.19 -4.56
CA GLY B 103 20.32 -9.24 -3.97
C GLY B 103 18.92 -8.87 -3.54
N LEU B 104 18.45 -7.67 -3.90
N LEU B 104 18.46 -7.71 -3.96
CA LEU B 104 17.09 -7.24 -3.53
CA LEU B 104 17.16 -7.21 -3.57
C LEU B 104 15.99 -8.07 -4.17
C LEU B 104 15.97 -7.98 -4.21
N ALA B 105 16.15 -8.50 -5.42
CA ALA B 105 15.09 -9.30 -6.07
C ALA B 105 14.98 -10.64 -5.35
N ARG B 106 16.13 -11.25 -5.10
CA ARG B 106 16.18 -12.49 -4.37
C ARG B 106 15.44 -12.37 -3.04
N GLN B 107 15.69 -11.27 -2.33
N GLN B 107 15.69 -11.28 -2.32
CA GLN B 107 15.04 -11.04 -1.04
CA GLN B 107 15.05 -11.06 -1.02
C GLN B 107 13.55 -10.81 -1.18
C GLN B 107 13.55 -10.78 -1.16
N LEU B 108 13.16 -10.03 -2.19
CA LEU B 108 11.74 -9.76 -2.39
C LEU B 108 11.00 -11.05 -2.64
N VAL B 109 11.57 -11.89 -3.48
CA VAL B 109 10.88 -13.15 -3.80
C VAL B 109 10.83 -14.06 -2.58
N TYR B 110 11.94 -14.20 -1.89
CA TYR B 110 12.00 -15.03 -0.71
C TYR B 110 11.01 -14.56 0.34
N GLU B 111 11.01 -13.26 0.66
CA GLU B 111 10.11 -12.78 1.71
C GLU B 111 8.66 -12.83 1.24
N GLY B 112 8.41 -12.60 -0.05
CA GLY B 112 7.05 -12.74 -0.60
C GLY B 112 6.52 -14.13 -0.40
N LEU B 113 7.33 -15.12 -0.78
CA LEU B 113 6.93 -16.51 -0.61
C LEU B 113 6.78 -16.88 0.84
N ASP B 114 7.63 -16.34 1.70
CA ASP B 114 7.56 -16.65 3.11
C ASP B 114 6.25 -16.10 3.70
N SER B 115 5.88 -14.89 3.29
CA SER B 115 4.64 -14.28 3.73
C SER B 115 3.43 -15.08 3.22
N LEU B 116 3.46 -15.46 1.93
CA LEU B 116 2.36 -16.26 1.37
C LEU B 116 2.17 -17.57 2.12
N ASN B 117 3.27 -18.21 2.50
CA ASN B 117 3.20 -19.46 3.23
C ASN B 117 2.56 -19.25 4.59
N GLU B 118 2.98 -18.18 5.26
N GLU B 118 2.96 -18.17 5.27
CA GLU B 118 2.44 -17.80 6.56
CA GLU B 118 2.41 -17.84 6.59
C GLU B 118 0.94 -17.59 6.47
C GLU B 118 0.93 -17.50 6.51
N PHE B 119 0.49 -16.95 5.39
CA PHE B 119 -0.94 -16.62 5.17
C PHE B 119 -1.77 -17.80 4.69
N GLY B 120 -1.16 -18.98 4.46
CA GLY B 120 -1.89 -20.19 4.08
C GLY B 120 -1.98 -20.54 2.60
N TYR B 121 -1.25 -19.82 1.77
CA TYR B 121 -1.27 -20.10 0.34
C TYR B 121 -0.43 -21.36 0.08
N ALA B 122 -0.76 -22.06 -0.98
CA ALA B 122 -0.14 -23.35 -1.27
C ALA B 122 0.97 -23.42 -2.30
N ALA B 123 0.93 -22.55 -3.31
CA ALA B 123 1.88 -22.56 -4.37
C ALA B 123 1.85 -21.25 -5.10
N VAL B 124 2.95 -20.99 -5.79
CA VAL B 124 3.15 -19.77 -6.56
C VAL B 124 3.60 -20.14 -7.96
N VAL B 125 2.95 -19.55 -8.96
CA VAL B 125 3.39 -19.73 -10.33
C VAL B 125 3.96 -18.40 -10.83
N THR B 126 4.81 -18.47 -11.86
CA THR B 126 5.31 -17.27 -12.48
C THR B 126 5.72 -17.59 -13.89
N LEU B 127 5.90 -16.55 -14.67
CA LEU B 127 6.23 -16.67 -16.08
C LEU B 127 7.44 -15.79 -16.34
N GLY B 128 8.55 -16.39 -16.72
CA GLY B 128 9.76 -15.63 -16.98
C GLY B 128 10.90 -16.54 -17.27
N ASP B 129 12.09 -15.96 -17.32
CA ASP B 129 13.26 -16.68 -17.70
C ASP B 129 13.61 -17.68 -16.59
N PRO B 130 13.65 -18.99 -16.94
CA PRO B 130 14.03 -19.95 -15.91
C PRO B 130 15.46 -19.75 -15.38
N ALA B 131 16.31 -19.13 -16.18
CA ALA B 131 17.69 -18.83 -15.75
C ALA B 131 17.66 -17.85 -14.58
N LEU B 132 16.56 -17.09 -14.47
CA LEU B 132 16.34 -16.21 -13.31
C LEU B 132 15.60 -16.96 -12.19
N TYR B 133 14.39 -17.47 -12.49
CA TYR B 133 13.53 -18.01 -11.43
C TYR B 133 13.95 -19.31 -10.82
N SER B 134 14.72 -20.11 -11.57
CA SER B 134 15.22 -21.35 -11.00
C SER B 134 16.11 -21.04 -9.78
N ARG B 135 16.73 -19.87 -9.77
CA ARG B 135 17.62 -19.44 -8.68
C ARG B 135 16.89 -19.29 -7.37
N PHE B 136 15.58 -19.07 -7.45
CA PHE B 136 14.73 -18.86 -6.30
C PHE B 136 13.89 -20.08 -5.94
N GLY B 137 14.16 -21.20 -6.59
CA GLY B 137 13.48 -22.44 -6.29
C GLY B 137 12.36 -22.84 -7.21
N PHE B 138 12.08 -22.03 -8.21
CA PHE B 138 11.01 -22.35 -9.16
C PHE B 138 11.39 -23.51 -10.05
N GLU B 139 10.39 -24.33 -10.36
N GLU B 139 10.40 -24.34 -10.37
CA GLU B 139 10.54 -25.50 -11.23
CA GLU B 139 10.59 -25.48 -11.25
C GLU B 139 9.73 -25.30 -12.49
C GLU B 139 9.75 -25.29 -12.50
N LEU B 140 10.12 -25.94 -13.59
CA LEU B 140 9.33 -25.87 -14.83
C LEU B 140 7.94 -26.49 -14.61
N ALA B 141 6.91 -25.70 -14.88
CA ALA B 141 5.54 -26.15 -14.66
C ALA B 141 5.19 -27.37 -15.51
N ALA B 142 5.72 -27.44 -16.72
CA ALA B 142 5.42 -28.57 -17.61
C ALA B 142 5.83 -29.91 -16.98
N HIS B 143 6.85 -29.91 -16.17
CA HIS B 143 7.29 -31.15 -15.53
C HIS B 143 6.31 -31.65 -14.51
N HIS B 144 5.38 -30.79 -14.12
CA HIS B 144 4.32 -31.10 -13.20
C HIS B 144 2.98 -31.13 -13.91
N ASP B 145 2.98 -31.16 -15.24
CA ASP B 145 1.74 -31.14 -16.03
C ASP B 145 0.84 -29.93 -15.70
N LEU B 146 1.47 -28.77 -15.57
CA LEU B 146 0.77 -27.50 -15.39
C LEU B 146 1.12 -26.60 -16.55
N ARG B 147 0.14 -25.87 -17.05
CA ARG B 147 0.38 -24.92 -18.14
C ARG B 147 -0.44 -23.67 -17.92
N CYS B 148 -0.06 -22.60 -18.61
CA CYS B 148 -0.84 -21.39 -18.60
C CYS B 148 -1.55 -21.30 -19.94
N ARG B 149 -2.29 -20.24 -20.19
CA ARG B 149 -3.13 -20.19 -21.39
C ARG B 149 -2.41 -19.71 -22.62
N TRP B 150 -1.21 -19.16 -22.46
CA TRP B 150 -0.57 -18.47 -23.55
C TRP B 150 0.41 -19.31 -24.35
N PRO B 151 0.53 -18.99 -25.65
CA PRO B 151 1.47 -19.75 -26.47
C PRO B 151 2.93 -19.49 -26.16
N GLY B 152 3.76 -20.50 -26.42
CA GLY B 152 5.19 -20.37 -26.29
C GLY B 152 5.71 -20.23 -24.90
N THR B 153 4.95 -20.71 -23.93
CA THR B 153 5.31 -20.59 -22.54
C THR B 153 5.77 -21.88 -21.87
N GLU B 154 5.87 -22.99 -22.61
N GLU B 154 5.88 -22.97 -22.63
CA GLU B 154 6.27 -24.24 -21.95
CA GLU B 154 6.32 -24.23 -22.06
C GLU B 154 7.69 -24.17 -21.37
C GLU B 154 7.67 -24.13 -21.35
N SER B 155 8.54 -23.25 -21.84
CA SER B 155 9.88 -23.13 -21.25
C SER B 155 10.00 -22.07 -20.18
N ALA B 156 8.98 -21.22 -20.03
CA ALA B 156 9.00 -20.09 -19.07
C ALA B 156 7.98 -20.18 -17.95
N PHE B 157 6.95 -21.02 -18.11
CA PHE B 157 5.94 -21.11 -17.03
C PHE B 157 6.51 -22.00 -15.95
N GLN B 158 6.54 -21.46 -14.73
CA GLN B 158 7.21 -22.13 -13.61
C GLN B 158 6.38 -22.08 -12.33
N VAL B 159 6.72 -22.93 -11.37
CA VAL B 159 5.94 -23.07 -10.15
C VAL B 159 6.90 -23.33 -8.97
N HIS B 160 6.50 -22.82 -7.80
CA HIS B 160 7.22 -23.00 -6.55
C HIS B 160 6.14 -23.39 -5.52
N ARG B 161 6.23 -24.61 -5.02
CA ARG B 161 5.32 -25.05 -3.99
C ARG B 161 5.61 -24.30 -2.71
N LEU B 162 4.60 -24.17 -1.84
CA LEU B 162 4.78 -23.59 -0.53
C LEU B 162 4.64 -24.70 0.54
N ALA B 163 4.17 -25.87 0.11
CA ALA B 163 4.05 -27.05 0.95
C ALA B 163 4.64 -28.20 0.12
N ASP B 164 5.31 -29.14 0.78
CA ASP B 164 6.02 -30.19 0.09
C ASP B 164 5.15 -30.97 -0.93
N ASP B 165 3.89 -31.15 -0.59
CA ASP B 165 2.98 -31.95 -1.41
C ASP B 165 1.97 -31.13 -2.17
N ALA B 166 2.15 -29.82 -2.27
CA ALA B 166 1.11 -28.96 -2.85
C ALA B 166 0.81 -29.18 -4.34
N LEU B 167 1.78 -29.72 -5.07
CA LEU B 167 1.62 -29.92 -6.51
C LEU B 167 1.16 -31.32 -6.85
N ASN B 168 1.29 -32.25 -5.92
N ASN B 168 1.29 -32.23 -5.90
CA ASN B 168 0.96 -33.63 -6.20
CA ASN B 168 0.97 -33.64 -6.15
C ASN B 168 -0.52 -33.83 -6.42
C ASN B 168 -0.52 -33.81 -6.43
N GLY B 169 -0.85 -34.30 -7.62
CA GLY B 169 -2.24 -34.52 -8.02
C GLY B 169 -2.93 -33.30 -8.62
N VAL B 170 -2.22 -32.18 -8.74
CA VAL B 170 -2.77 -30.94 -9.26
C VAL B 170 -2.15 -30.70 -10.61
N THR B 171 -2.98 -30.73 -11.65
CA THR B 171 -2.51 -30.61 -13.02
C THR B 171 -3.49 -29.80 -13.84
N GLY B 172 -3.06 -29.41 -15.04
CA GLY B 172 -3.91 -28.75 -16.00
C GLY B 172 -3.68 -27.27 -16.17
N LEU B 173 -4.73 -26.56 -16.56
CA LEU B 173 -4.64 -25.15 -16.89
C LEU B 173 -4.71 -24.23 -15.69
N VAL B 174 -3.65 -23.45 -15.52
CA VAL B 174 -3.59 -22.44 -14.47
C VAL B 174 -4.04 -21.13 -15.12
N GLU B 175 -5.09 -20.53 -14.56
N GLU B 175 -5.14 -20.55 -14.63
CA GLU B 175 -5.61 -19.31 -15.10
CA GLU B 175 -5.66 -19.30 -15.19
C GLU B 175 -5.35 -18.13 -14.18
C GLU B 175 -5.42 -18.11 -14.24
N TYR B 176 -4.84 -17.06 -14.80
CA TYR B 176 -4.61 -15.82 -14.11
C TYR B 176 -5.86 -14.96 -14.28
N HIS B 177 -5.96 -13.88 -13.51
CA HIS B 177 -7.06 -12.93 -13.71
C HIS B 177 -7.00 -12.41 -15.16
N GLU B 178 -8.16 -12.05 -15.70
N GLU B 178 -8.18 -12.04 -15.66
CA GLU B 178 -8.20 -11.57 -17.06
CA GLU B 178 -8.38 -11.52 -17.02
C GLU B 178 -7.37 -10.31 -17.31
C GLU B 178 -7.49 -10.26 -17.29
N HIS B 179 -7.05 -9.58 -16.24
CA HIS B 179 -6.19 -8.39 -16.39
C HIS B 179 -4.85 -8.74 -17.00
N PHE B 180 -4.44 -10.00 -16.92
CA PHE B 180 -3.20 -10.45 -17.55
C PHE B 180 -3.27 -10.65 -19.05
N ASN B 181 -4.48 -10.55 -19.62
N ASN B 181 -4.46 -10.57 -19.67
CA ASN B 181 -4.67 -10.74 -21.05
CA ASN B 181 -4.55 -10.86 -21.10
C ASN B 181 -4.43 -9.44 -21.82
C ASN B 181 -4.06 -9.75 -22.04
N ARG B 182 -3.31 -8.80 -21.51
CA ARG B 182 -2.83 -7.64 -22.22
C ARG B 182 -1.49 -8.00 -22.87
N PHE B 183 -1.06 -7.18 -23.82
CA PHE B 183 0.16 -7.44 -24.57
C PHE B 183 1.41 -6.87 -23.95
N GLY B 184 2.50 -7.59 -24.13
CA GLY B 184 3.79 -7.08 -23.79
C GLY B 184 4.36 -7.36 -22.43
N LEU B 185 3.67 -8.14 -21.59
CA LEU B 185 4.21 -8.49 -20.28
C LEU B 185 5.43 -9.38 -20.43
N CYS B 186 6.38 -9.19 -19.52
N CYS B 186 6.37 -9.23 -19.50
CA CYS B 186 7.62 -9.97 -19.47
CA CYS B 186 7.58 -10.03 -19.50
C CYS B 186 7.31 -11.48 -19.38
C CYS B 186 7.26 -11.51 -19.43
N GLY B 187 8.06 -12.29 -20.14
CA GLY B 187 7.86 -13.72 -20.17
C GLY B 187 6.85 -14.20 -21.18
N ARG B 188 6.10 -13.28 -21.81
CA ARG B 188 5.10 -13.64 -22.82
C ARG B 188 5.68 -13.51 -24.23
N1A COA C . -13.12 24.48 14.37
N1A COA C . -13.75 24.18 14.79
C2A COA C . -14.29 24.12 13.80
C2A COA C . -14.86 23.89 14.08
N3A COA C . -14.49 24.13 12.47
N3A COA C . -14.92 23.94 12.74
C4A COA C . -13.47 24.51 11.64
C4A COA C . -13.84 24.29 12.00
C5A COA C . -12.18 24.92 12.19
C5A COA C . -12.60 24.62 12.67
C6A COA C . -12.05 24.88 13.65
C6A COA C . -12.61 24.54 14.14
N6A COA C . -10.87 25.23 14.19
N6A COA C . -11.48 24.83 14.83
N7A COA C . -11.40 25.24 11.16
N7A COA C . -11.70 24.92 11.71
C8A COA C . -12.12 25.06 10.03
C8A COA C . -12.32 24.79 10.51
N9A COA C . -13.36 24.67 10.33
N9A COA C . -13.61 24.43 10.71
C1B COA C . -14.42 24.32 9.37
C1B COA C . -14.65 24.15 9.71
C2B COA C . -14.69 25.36 8.30
C2B COA C . -14.96 25.29 8.77
O2B COA C . -15.47 26.46 8.81
O2B COA C . -15.94 26.15 9.37
C3B COA C . -15.39 24.53 7.27
C3B COA C . -15.47 24.56 7.56
O3B COA C . -16.74 24.29 7.68
O3B COA C . -16.88 24.42 7.67
P3B COA C . -17.86 23.70 6.67
P3B COA C . -17.82 24.09 6.41
O7A COA C . -17.16 23.21 5.42
O7A COA C . -17.14 22.95 5.68
O8A COA C . -18.62 22.67 7.41
O8A COA C . -19.10 23.75 7.15
O9A COA C . -18.73 24.89 6.40
O9A COA C . -17.88 25.38 5.65
C4B COA C . -14.63 23.20 7.35
C4B COA C . -14.87 23.16 7.63
O4B COA C . -13.96 23.18 8.61
O4B COA C . -14.23 23.06 8.89
C5B COA C . -13.63 23.03 6.23
C5B COA C . -13.83 22.99 6.55
O5B COA C . -12.81 24.19 6.14
O5B COA C . -13.22 24.25 6.40
P1A COA C . -11.55 24.32 5.14
P1A COA C . -11.85 24.36 5.58
O1A COA C . -11.53 25.68 4.52
O1A COA C . -11.78 25.78 5.09
O2A COA C . -11.52 23.06 4.31
O2A COA C . -11.83 23.19 4.65
O3A COA C . -10.30 24.22 6.18
O3A COA C . -10.77 24.14 6.76
P2A COA C . -9.37 25.38 6.77
P2A COA C . -9.65 25.18 7.27
O4A COA C . -8.60 26.06 5.72
O4A COA C . -8.96 25.79 6.07
O5A COA C . -10.16 26.30 7.67
O5A COA C . -10.27 26.06 8.31
O6A COA C . -8.35 24.47 7.61
O6A COA C . -8.56 24.21 7.94
CBP COA C . -7.44 23.42 9.59
CBP COA C . -7.51 23.05 9.77
CCP COA C . -8.68 23.92 8.88
CCP COA C . -8.83 23.44 9.11
CDP COA C . -7.80 22.88 10.97
CDP COA C . -7.76 22.38 11.12
CEP COA C . -6.88 22.29 8.74
CEP COA C . -6.78 22.09 8.86
CAP COA C . -6.46 24.60 9.70
CAP COA C . -6.71 24.34 9.98
OAP COA C . -7.04 25.69 10.45
OAP COA C . -7.31 25.13 11.03
C9P COA C . -5.11 24.25 10.26
C9P COA C . -5.28 24.08 10.36
O9P COA C . -4.22 23.73 9.57
O9P COA C . -4.47 23.55 9.61
N8P COA C . -4.92 24.60 11.53
N8P COA C . -4.91 24.52 11.57
C7P COA C . -3.64 24.41 12.19
C7P COA C . -3.54 24.39 12.01
C6P COA C . -3.52 23.00 12.71
C6P COA C . -3.29 23.05 12.66
C5P COA C . -4.50 22.79 13.83
C5P COA C . -4.14 22.96 13.90
O5P COA C . -5.54 22.18 13.65
O5P COA C . -5.08 22.18 13.97
N4P COA C . -4.17 23.31 15.01
N4P COA C . -3.84 23.74 14.92
C3P COA C . -4.97 23.09 16.21
C3P COA C . -4.64 23.66 16.12
C2P COA C . -4.06 22.61 17.34
C2P COA C . -5.83 22.72 15.92
S1P COA C . -4.88 21.32 18.31
S1P COA C . -7.28 23.63 15.37
N1A COA D . 18.90 -13.96 -15.80
N1A COA D . 18.90 -13.18 -16.11
C2A COA D . 19.47 -14.82 -14.92
C2A COA D . 19.26 -14.21 -15.31
N3A COA D . 19.82 -14.47 -13.66
N3A COA D . 19.57 -14.04 -14.02
C4A COA D . 19.61 -13.21 -13.17
C4A COA D . 19.50 -12.82 -13.43
C5A COA D . 18.99 -12.22 -14.06
C5A COA D . 19.11 -11.66 -14.23
C6A COA D . 18.64 -12.66 -15.43
C6A COA D . 18.81 -11.92 -15.64
N6A COA D . 18.07 -11.77 -16.27
N6A COA D . 18.44 -10.91 -16.46
N7A COA D . 18.90 -11.07 -13.37
N7A COA D . 19.14 -10.59 -13.42
C8A COA D . 19.40 -11.30 -12.14
C8A COA D . 19.51 -11.02 -12.18
N9A COA D . 19.84 -12.55 -12.03
N9A COA D . 19.73 -12.34 -12.22
C1B COA D . 20.40 -13.16 -10.80
C1B COA D . 20.14 -13.22 -11.10
C2B COA D . 21.47 -12.40 -10.05
C2B COA D . 21.43 -12.79 -10.43
O2B COA D . 22.75 -12.56 -10.66
O2B COA D . 22.58 -13.23 -11.16
C3B COA D . 21.36 -13.05 -8.68
C3B COA D . 21.29 -13.46 -9.08
O3B COA D . 21.97 -14.33 -8.77
O3B COA D . 21.83 -14.78 -9.10
P3B COA D . 22.53 -15.09 -7.47
P3B COA D . 22.01 -15.59 -7.73
O7A COA D . 21.55 -14.77 -6.36
O7A COA D . 21.36 -14.74 -6.68
O8A COA D . 22.58 -16.54 -7.89
O8A COA D . 21.36 -16.92 -8.01
O9A COA D . 23.81 -14.36 -7.20
O9A COA D . 23.51 -15.72 -7.61
C4B COA D . 19.85 -13.23 -8.52
C4B COA D . 19.79 -13.52 -8.85
O4B COA D . 19.33 -13.25 -9.85
O4B COA D . 19.15 -13.20 -10.08
C5B COA D . 19.18 -12.13 -7.70
C5B COA D . 19.42 -12.48 -7.83
O5B COA D . 19.75 -10.86 -8.02
O5B COA D . 20.03 -11.28 -8.27
P1A COA D . 19.31 -9.52 -7.29
P1A COA D . 19.48 -9.88 -7.73
O1A COA D . 20.54 -8.69 -7.08
O1A COA D . 20.71 -9.01 -7.65
O2A COA D . 18.37 -9.84 -6.14
O2A COA D . 18.70 -10.13 -6.47
O3A COA D . 18.38 -8.95 -8.48
O3A COA D . 18.47 -9.39 -8.88
P2A COA D . 18.58 -7.65 -9.39
P2A COA D . 18.69 -8.12 -9.84
O4A COA D . 18.79 -6.43 -8.60
O4A COA D . 19.06 -6.93 -9.00
O5A COA D . 19.61 -7.94 -10.47
O5A COA D . 19.65 -8.57 -10.91
O6A COA D . 17.09 -7.61 -10.02
O6A COA D . 17.24 -7.87 -10.46
CBP COA D . 15.49 -7.89 -11.79
CBP COA D . 15.38 -8.18 -11.92
CCP COA D . 16.65 -8.52 -11.02
CCP COA D . 16.61 -8.83 -11.31
CDP COA D . 15.05 -8.86 -12.87
CDP COA D . 14.72 -9.16 -12.85
CEP COA D . 14.31 -7.71 -10.85
CEP COA D . 14.38 -7.82 -10.82
CAP COA D . 15.97 -6.52 -12.37
CAP COA D . 15.85 -6.93 -12.66
OAP COA D . 17.10 -6.70 -13.28
OAP COA D . 16.59 -7.28 -13.86
C9P COA D . 14.88 -5.75 -13.11
C9P COA D . 14.71 -6.03 -13.04
O9P COA D . 14.01 -5.17 -12.46
O9P COA D . 14.19 -5.26 -12.25
N8P COA D . 14.96 -5.71 -14.45
N8P COA D . 14.33 -6.14 -14.32
C7P COA D . 14.03 -4.95 -15.30
C7P COA D . 13.31 -5.30 -14.90
C6P COA D . 12.68 -5.64 -15.38
C6P COA D . 12.99 -5.72 -16.33
C5P COA D . 12.70 -6.81 -16.34
C5P COA D . 13.14 -7.21 -16.50
O5P COA D . 12.53 -7.94 -15.95
O5P COA D . 13.06 -7.95 -15.53
N4P COA D . 12.90 -6.59 -17.64
N4P COA D . 13.38 -7.60 -17.75
C3P COA D . 12.92 -7.73 -18.55
C3P COA D . 13.58 -8.99 -18.11
C2P COA D . 11.82 -7.67 -19.62
C2P COA D . 13.71 -9.89 -16.90
S1P COA D . 11.16 -9.33 -20.02
S1P COA D . 15.32 -9.63 -16.15
#